data_6POR
#
_entry.id   6POR
#
_entity_poly.entity_id   1
_entity_poly.type   'polypeptide(L)'
_entity_poly.pdbx_seq_one_letter_code
;GGDGSIAEYFNRPMHIHDWQIMDSGYYG
;
_entity_poly.pdbx_strand_id   A
#
# COMPACT_ATOMS: atom_id res chain seq x y z
N GLY A 1 -2.76 0.64 -4.19
CA GLY A 1 -3.14 -0.73 -3.90
C GLY A 1 -4.24 -0.82 -2.86
N GLY A 2 -4.61 -2.04 -2.44
CA GLY A 2 -5.48 -2.35 -1.34
C GLY A 2 -5.29 -3.78 -0.82
N ASP A 3 -4.96 -4.73 -1.70
CA ASP A 3 -4.85 -6.14 -1.42
C ASP A 3 -3.63 -6.71 -2.12
N GLY A 4 -2.67 -7.23 -1.36
CA GLY A 4 -1.38 -7.75 -1.78
C GLY A 4 -0.34 -7.74 -0.68
N SER A 5 0.94 -7.94 -1.02
CA SER A 5 2.02 -7.96 -0.06
C SER A 5 3.00 -6.81 -0.18
N ILE A 6 3.08 -6.09 -1.30
CA ILE A 6 3.96 -4.95 -1.50
C ILE A 6 3.18 -3.68 -1.24
N ALA A 7 3.53 -2.92 -0.19
CA ALA A 7 2.94 -1.65 0.16
C ALA A 7 3.02 -0.66 -0.99
N GLU A 8 1.91 0.03 -1.30
CA GLU A 8 1.90 1.01 -2.36
C GLU A 8 2.83 2.20 -2.16
N TYR A 9 3.13 2.54 -0.91
CA TYR A 9 4.02 3.63 -0.53
C TYR A 9 5.50 3.28 -0.57
N PHE A 10 5.92 2.07 -0.94
CA PHE A 10 7.28 1.58 -0.85
C PHE A 10 8.32 2.49 -1.51
N ASN A 11 8.09 3.02 -2.70
CA ASN A 11 8.92 3.97 -3.42
C ASN A 11 8.16 5.25 -3.75
N ARG A 12 7.05 5.52 -3.05
CA ARG A 12 6.15 6.63 -3.23
C ARG A 12 5.86 7.38 -1.94
N PRO A 13 5.49 8.67 -2.00
CA PRO A 13 4.99 9.40 -0.86
C PRO A 13 3.61 8.84 -0.49
N MET A 14 3.09 9.26 0.67
CA MET A 14 1.72 9.00 1.07
C MET A 14 0.71 9.80 0.27
N HIS A 15 0.65 9.57 -1.05
CA HIS A 15 -0.36 10.06 -1.97
C HIS A 15 -1.62 9.21 -1.92
N ILE A 16 -1.54 7.93 -1.57
CA ILE A 16 -2.61 6.98 -1.36
C ILE A 16 -3.59 7.45 -0.30
N HIS A 17 -4.87 7.13 -0.50
CA HIS A 17 -5.86 7.37 0.53
C HIS A 17 -5.76 6.41 1.70
N ASP A 18 -5.21 5.21 1.50
CA ASP A 18 -4.92 4.21 2.51
C ASP A 18 -3.87 4.61 3.54
N TRP A 19 -3.28 5.80 3.48
CA TRP A 19 -2.12 6.20 4.26
C TRP A 19 -2.25 6.21 5.77
N GLN A 20 -3.48 6.23 6.27
CA GLN A 20 -3.78 6.08 7.69
C GLN A 20 -4.43 4.74 8.03
N ILE A 21 -4.66 3.86 7.04
CA ILE A 21 -5.25 2.55 7.19
C ILE A 21 -4.18 1.49 6.94
N MET A 22 -3.40 1.13 7.96
CA MET A 22 -2.31 0.18 7.81
C MET A 22 -2.77 -1.24 7.51
N ASP A 23 -4.06 -1.52 7.72
CA ASP A 23 -4.80 -2.70 7.31
C ASP A 23 -4.94 -2.85 5.80
N SER A 24 -4.57 -1.83 5.02
CA SER A 24 -4.83 -1.73 3.60
C SER A 24 -3.60 -1.19 2.88
N GLY A 25 -3.70 -1.16 1.56
CA GLY A 25 -2.85 -0.38 0.67
C GLY A 25 -1.60 -1.09 0.16
N TYR A 26 -1.80 -2.21 -0.53
CA TYR A 26 -0.77 -3.09 -1.06
C TYR A 26 -1.16 -3.60 -2.44
N TYR A 27 -0.19 -4.19 -3.15
CA TYR A 27 -0.35 -4.80 -4.46
C TYR A 27 0.53 -6.02 -4.67
N GLY A 28 0.38 -6.72 -5.81
CA GLY A 28 1.22 -7.82 -6.20
C GLY A 28 1.26 -8.16 -7.69
N GLY A 1 -2.15 -0.11 -2.97
CA GLY A 1 -2.16 -1.50 -3.39
C GLY A 1 -3.17 -2.29 -2.57
N GLY A 2 -4.16 -2.91 -3.23
CA GLY A 2 -5.27 -3.57 -2.58
C GLY A 2 -5.15 -5.08 -2.60
N ASP A 3 -4.95 -5.72 -1.44
CA ASP A 3 -4.98 -7.15 -1.21
C ASP A 3 -3.98 -7.93 -2.06
N GLY A 4 -2.72 -7.97 -1.63
CA GLY A 4 -1.66 -8.68 -2.33
C GLY A 4 -0.42 -9.00 -1.50
N SER A 5 0.73 -9.02 -2.18
CA SER A 5 2.02 -9.39 -1.65
C SER A 5 3.12 -8.33 -1.78
N ILE A 6 3.15 -7.57 -2.88
CA ILE A 6 4.13 -6.56 -3.21
C ILE A 6 3.74 -5.28 -2.49
N ALA A 7 4.61 -4.79 -1.60
CA ALA A 7 4.37 -3.53 -0.93
C ALA A 7 4.02 -2.43 -1.91
N GLU A 8 2.87 -1.78 -1.77
CA GLU A 8 2.41 -0.70 -2.62
C GLU A 8 3.37 0.48 -2.68
N TYR A 9 4.05 0.73 -1.56
CA TYR A 9 4.99 1.79 -1.32
C TYR A 9 6.44 1.33 -1.49
N PHE A 10 6.67 0.14 -2.05
CA PHE A 10 7.94 -0.55 -2.18
C PHE A 10 9.06 0.32 -2.73
N ASN A 11 8.78 1.14 -3.75
CA ASN A 11 9.72 2.05 -4.36
C ASN A 11 9.20 3.49 -4.42
N ARG A 12 7.97 3.75 -3.98
CA ARG A 12 7.26 5.00 -4.19
C ARG A 12 6.53 5.46 -2.94
N PRO A 13 6.32 6.76 -2.68
CA PRO A 13 5.62 7.21 -1.49
C PRO A 13 4.12 6.99 -1.59
N MET A 14 3.49 6.64 -0.47
CA MET A 14 2.06 6.45 -0.39
C MET A 14 1.23 7.70 -0.60
N HIS A 15 0.43 7.72 -1.67
CA HIS A 15 -0.54 8.71 -2.06
C HIS A 15 -1.87 8.06 -2.40
N ILE A 16 -2.52 7.42 -1.42
CA ILE A 16 -3.70 6.60 -1.60
C ILE A 16 -4.75 6.85 -0.51
N HIS A 17 -6.01 6.55 -0.78
CA HIS A 17 -7.05 6.83 0.19
C HIS A 17 -7.01 5.90 1.39
N ASP A 18 -6.43 4.71 1.22
CA ASP A 18 -6.19 3.71 2.23
C ASP A 18 -5.20 4.07 3.33
N TRP A 19 -4.62 5.27 3.36
CA TRP A 19 -3.50 5.64 4.21
C TRP A 19 -3.67 5.50 5.71
N GLN A 20 -4.90 5.30 6.21
CA GLN A 20 -5.25 5.11 7.59
C GLN A 20 -5.63 3.67 7.93
N ILE A 21 -5.68 2.79 6.93
CA ILE A 21 -6.25 1.45 7.03
C ILE A 21 -5.13 0.43 6.89
N MET A 22 -4.77 -0.22 8.01
CA MET A 22 -3.75 -1.23 8.09
C MET A 22 -4.01 -2.49 7.28
N ASP A 23 -5.25 -2.72 6.85
CA ASP A 23 -5.69 -3.80 5.98
C ASP A 23 -5.16 -3.74 4.55
N SER A 24 -4.60 -2.61 4.12
CA SER A 24 -4.32 -2.33 2.73
C SER A 24 -2.99 -1.60 2.53
N GLY A 25 -2.08 -2.28 1.83
CA GLY A 25 -0.75 -1.74 1.57
C GLY A 25 0.04 -2.53 0.53
N TYR A 26 -0.59 -3.38 -0.28
CA TYR A 26 0.10 -4.35 -1.11
C TYR A 26 -0.71 -4.81 -2.31
N TYR A 27 -0.04 -5.28 -3.37
CA TYR A 27 -0.60 -5.67 -4.63
C TYR A 27 0.06 -6.92 -5.22
N GLY A 28 -0.32 -7.31 -6.43
CA GLY A 28 0.20 -8.44 -7.17
C GLY A 28 0.76 -8.11 -8.55
N GLY A 1 -0.59 0.11 -3.30
CA GLY A 1 -1.89 -0.45 -3.60
C GLY A 1 -2.51 -1.12 -2.39
N GLY A 2 -3.55 -1.93 -2.59
CA GLY A 2 -3.95 -2.95 -1.63
C GLY A 2 -3.91 -4.37 -2.19
N ASP A 3 -3.93 -5.35 -1.29
CA ASP A 3 -3.97 -6.78 -1.49
C ASP A 3 -2.83 -7.40 -2.31
N GLY A 4 -1.93 -8.09 -1.60
CA GLY A 4 -0.87 -8.84 -2.24
C GLY A 4 0.42 -8.98 -1.43
N SER A 5 1.44 -9.54 -2.08
CA SER A 5 2.75 -9.79 -1.51
C SER A 5 3.58 -8.51 -1.40
N ILE A 6 3.74 -7.83 -2.54
CA ILE A 6 4.69 -6.77 -2.81
C ILE A 6 4.27 -5.58 -1.97
N ALA A 7 4.95 -5.26 -0.87
CA ALA A 7 4.69 -4.13 0.00
C ALA A 7 4.84 -2.82 -0.76
N GLU A 8 3.73 -2.19 -1.12
CA GLU A 8 3.64 -1.11 -2.09
C GLU A 8 4.59 0.05 -1.86
N TYR A 9 4.91 0.37 -0.60
CA TYR A 9 5.82 1.42 -0.21
C TYR A 9 7.28 1.11 -0.46
N PHE A 10 7.71 -0.10 -0.83
CA PHE A 10 9.11 -0.49 -0.80
C PHE A 10 10.11 0.29 -1.66
N ASN A 11 9.66 1.00 -2.70
CA ASN A 11 10.48 1.75 -3.63
C ASN A 11 9.99 3.14 -3.99
N ARG A 12 8.77 3.53 -3.63
CA ARG A 12 8.13 4.82 -3.86
C ARG A 12 7.21 5.16 -2.70
N PRO A 13 6.92 6.43 -2.41
CA PRO A 13 5.98 6.83 -1.38
C PRO A 13 4.56 6.39 -1.68
N MET A 14 3.82 6.01 -0.63
CA MET A 14 2.40 5.75 -0.59
C MET A 14 1.68 7.09 -0.59
N HIS A 15 1.81 7.88 -1.66
CA HIS A 15 1.31 9.23 -1.81
C HIS A 15 -0.22 9.32 -1.84
N ILE A 16 -0.94 8.21 -1.70
CA ILE A 16 -2.36 8.05 -1.95
C ILE A 16 -3.11 7.63 -0.70
N HIS A 17 -4.44 7.68 -0.73
CA HIS A 17 -5.36 7.60 0.39
C HIS A 17 -5.24 6.39 1.31
N ASP A 18 -4.63 5.29 0.86
CA ASP A 18 -4.30 4.15 1.69
C ASP A 18 -3.30 4.43 2.79
N TRP A 19 -2.66 5.61 2.84
CA TRP A 19 -1.56 5.89 3.73
C TRP A 19 -1.78 5.64 5.21
N GLN A 20 -2.99 5.59 5.78
CA GLN A 20 -3.25 5.20 7.14
C GLN A 20 -3.96 3.86 7.34
N ILE A 21 -4.25 3.12 6.27
CA ILE A 21 -4.94 1.84 6.29
C ILE A 21 -3.89 0.75 6.33
N MET A 22 -3.59 0.24 7.52
CA MET A 22 -2.65 -0.83 7.79
C MET A 22 -2.97 -2.14 7.08
N ASP A 23 -4.26 -2.39 6.84
CA ASP A 23 -4.82 -3.46 6.05
C ASP A 23 -4.61 -3.33 4.54
N SER A 24 -3.97 -2.25 4.10
CA SER A 24 -3.59 -1.94 2.73
C SER A 24 -2.08 -1.76 2.66
N GLY A 25 -1.54 -1.39 1.49
CA GLY A 25 -0.13 -1.14 1.25
C GLY A 25 0.58 -2.29 0.56
N TYR A 26 -0.11 -3.03 -0.31
CA TYR A 26 0.41 -4.22 -0.94
C TYR A 26 -0.03 -4.28 -2.40
N TYR A 27 0.64 -5.05 -3.26
CA TYR A 27 0.24 -5.46 -4.59
C TYR A 27 0.90 -6.74 -5.04
N GLY A 28 0.71 -7.14 -6.31
CA GLY A 28 1.20 -8.34 -6.94
C GLY A 28 1.42 -8.02 -8.41
N GLY A 1 -1.04 -0.06 -1.21
CA GLY A 1 -2.38 0.48 -1.34
C GLY A 1 -3.55 -0.48 -1.36
N GLY A 2 -3.39 -1.80 -1.28
CA GLY A 2 -4.44 -2.79 -1.42
C GLY A 2 -3.98 -4.20 -1.10
N ASP A 3 -4.46 -5.17 -1.90
CA ASP A 3 -4.12 -6.58 -1.85
C ASP A 3 -2.68 -6.83 -2.26
N GLY A 4 -1.95 -7.70 -1.56
CA GLY A 4 -0.53 -7.97 -1.74
C GLY A 4 0.16 -8.52 -0.50
N SER A 5 1.49 -8.48 -0.50
CA SER A 5 2.31 -8.83 0.64
C SER A 5 3.45 -7.87 0.97
N ILE A 6 4.05 -7.20 -0.02
CA ILE A 6 4.97 -6.10 0.19
C ILE A 6 4.14 -4.88 0.57
N ALA A 7 4.57 -4.07 1.54
CA ALA A 7 3.89 -2.85 1.89
C ALA A 7 4.21 -1.67 1.00
N GLU A 8 3.19 -0.98 0.46
CA GLU A 8 3.31 0.01 -0.60
C GLU A 8 4.17 1.21 -0.25
N TYR A 9 4.36 1.58 1.03
CA TYR A 9 5.22 2.68 1.38
C TYR A 9 6.70 2.43 1.12
N PHE A 10 7.13 1.18 1.04
CA PHE A 10 8.54 0.82 1.01
C PHE A 10 9.33 1.29 -0.20
N ASN A 11 8.72 1.30 -1.38
CA ASN A 11 9.28 1.80 -2.63
C ASN A 11 8.36 2.83 -3.25
N ARG A 12 8.72 4.09 -3.01
CA ARG A 12 8.00 5.33 -3.26
C ARG A 12 6.73 5.50 -2.43
N PRO A 13 6.27 6.73 -2.21
CA PRO A 13 5.05 6.94 -1.44
C PRO A 13 3.79 6.72 -2.24
N MET A 14 2.68 6.55 -1.51
CA MET A 14 1.33 6.68 -2.05
C MET A 14 0.53 7.66 -1.21
N HIS A 15 0.16 8.80 -1.80
CA HIS A 15 -0.67 9.80 -1.15
C HIS A 15 -2.13 9.40 -1.22
N ILE A 16 -2.48 8.32 -0.51
CA ILE A 16 -3.80 7.73 -0.44
C ILE A 16 -4.25 7.67 1.00
N HIS A 17 -5.55 7.72 1.27
CA HIS A 17 -6.10 8.05 2.58
C HIS A 17 -6.02 6.93 3.61
N ASP A 18 -5.30 5.84 3.33
CA ASP A 18 -5.00 4.72 4.21
C ASP A 18 -3.52 4.51 4.49
N TRP A 19 -2.67 5.38 3.96
CA TRP A 19 -1.25 5.17 3.76
C TRP A 19 -0.43 4.75 4.96
N GLN A 20 -0.89 5.09 6.17
CA GLN A 20 -0.18 4.84 7.41
C GLN A 20 -0.38 3.45 7.98
N ILE A 21 -1.53 2.81 7.72
CA ILE A 21 -2.02 1.72 8.51
C ILE A 21 -1.24 0.45 8.22
N MET A 22 -0.55 -0.04 9.25
CA MET A 22 0.45 -1.10 9.20
C MET A 22 -0.07 -2.41 8.64
N ASP A 23 -1.20 -2.91 9.15
CA ASP A 23 -1.82 -4.15 8.71
C ASP A 23 -2.43 -4.06 7.32
N SER A 24 -2.26 -2.95 6.59
CA SER A 24 -2.94 -2.60 5.37
C SER A 24 -1.93 -2.10 4.35
N GLY A 25 -2.39 -1.85 3.13
CA GLY A 25 -1.67 -1.05 2.15
C GLY A 25 -0.63 -1.84 1.38
N TYR A 26 -0.83 -3.12 1.08
CA TYR A 26 0.10 -3.97 0.38
C TYR A 26 0.06 -3.88 -1.14
N TYR A 27 1.01 -4.51 -1.82
CA TYR A 27 1.11 -4.88 -3.22
C TYR A 27 1.98 -6.13 -3.38
N GLY A 28 2.18 -6.58 -4.62
CA GLY A 28 2.90 -7.79 -4.96
C GLY A 28 2.92 -8.05 -6.45
N GLY A 1 -3.31 -1.50 -3.80
CA GLY A 1 -4.72 -1.44 -4.12
C GLY A 1 -5.64 -2.02 -3.04
N GLY A 2 -5.15 -2.93 -2.21
CA GLY A 2 -5.96 -3.80 -1.37
C GLY A 2 -5.25 -5.07 -0.95
N ASP A 3 -5.07 -6.01 -1.89
CA ASP A 3 -4.77 -7.41 -1.64
C ASP A 3 -3.32 -7.84 -1.82
N GLY A 4 -2.76 -8.55 -0.85
CA GLY A 4 -1.41 -9.08 -0.88
C GLY A 4 -0.65 -8.78 0.41
N SER A 5 0.60 -8.36 0.23
CA SER A 5 1.60 -8.20 1.28
C SER A 5 2.49 -6.98 1.09
N ILE A 6 2.57 -6.41 -0.12
CA ILE A 6 3.44 -5.30 -0.46
C ILE A 6 2.57 -4.05 -0.42
N ALA A 7 2.83 -3.14 0.52
CA ALA A 7 2.13 -1.87 0.55
C ALA A 7 2.20 -1.13 -0.77
N GLU A 8 1.08 -0.60 -1.25
CA GLU A 8 1.03 0.21 -2.46
C GLU A 8 1.89 1.46 -2.41
N TYR A 9 2.45 1.84 -1.27
CA TYR A 9 3.42 2.90 -1.03
C TYR A 9 4.88 2.46 -1.03
N PHE A 10 5.23 1.28 -1.53
CA PHE A 10 6.56 0.75 -1.71
C PHE A 10 7.52 1.74 -2.35
N ASN A 11 7.15 2.37 -3.47
CA ASN A 11 7.95 3.34 -4.19
C ASN A 11 7.89 4.74 -3.58
N ARG A 12 7.32 4.90 -2.39
CA ARG A 12 6.91 6.06 -1.63
C ARG A 12 5.41 6.30 -1.78
N PRO A 13 4.66 6.85 -0.81
CA PRO A 13 3.24 7.03 -0.95
C PRO A 13 2.91 8.04 -2.04
N MET A 14 1.85 7.75 -2.81
CA MET A 14 1.34 8.51 -3.93
C MET A 14 0.76 9.88 -3.58
N HIS A 15 1.05 10.48 -2.42
CA HIS A 15 0.29 11.52 -1.77
C HIS A 15 -1.21 11.24 -1.78
N ILE A 16 -1.66 10.36 -0.88
CA ILE A 16 -2.96 9.73 -0.88
C ILE A 16 -3.52 9.66 0.53
N HIS A 17 -4.85 9.71 0.65
CA HIS A 17 -5.53 9.79 1.93
C HIS A 17 -5.39 8.58 2.85
N ASP A 18 -5.04 7.42 2.30
CA ASP A 18 -5.01 6.14 2.98
C ASP A 18 -3.65 5.68 3.50
N TRP A 19 -2.67 6.58 3.52
CA TRP A 19 -1.35 6.39 4.08
C TRP A 19 -1.37 5.72 5.44
N GLN A 20 -2.21 6.18 6.37
CA GLN A 20 -2.39 5.61 7.70
C GLN A 20 -2.86 4.17 7.74
N ILE A 21 -3.34 3.56 6.66
CA ILE A 21 -3.88 2.21 6.72
C ILE A 21 -2.72 1.26 6.49
N MET A 22 -2.50 0.37 7.46
CA MET A 22 -1.50 -0.67 7.45
C MET A 22 -2.04 -2.03 7.07
N ASP A 23 -3.24 -2.39 7.55
CA ASP A 23 -3.88 -3.68 7.39
C ASP A 23 -4.33 -4.04 5.99
N SER A 24 -4.43 -3.08 5.05
CA SER A 24 -4.94 -3.18 3.70
C SER A 24 -4.20 -2.17 2.83
N GLY A 25 -4.49 -2.14 1.52
CA GLY A 25 -3.80 -1.26 0.60
C GLY A 25 -2.57 -1.89 -0.04
N TYR A 26 -2.59 -3.22 -0.19
CA TYR A 26 -1.51 -4.00 -0.76
C TYR A 26 -1.60 -4.21 -2.26
N TYR A 27 -0.48 -4.70 -2.81
CA TYR A 27 -0.33 -5.58 -3.96
C TYR A 27 0.51 -6.78 -3.56
N GLY A 28 0.63 -7.75 -4.48
CA GLY A 28 1.27 -9.02 -4.17
C GLY A 28 1.49 -9.85 -5.42
N GLY A 1 -1.87 -2.90 -4.34
CA GLY A 1 -1.72 -4.31 -4.08
C GLY A 1 -2.98 -5.10 -3.74
N GLY A 2 -3.71 -5.61 -4.74
CA GLY A 2 -4.77 -6.57 -4.56
C GLY A 2 -4.30 -7.99 -4.30
N ASP A 3 -3.86 -8.20 -3.06
CA ASP A 3 -3.21 -9.37 -2.50
C ASP A 3 -1.92 -9.85 -3.15
N GLY A 4 -1.05 -10.48 -2.36
CA GLY A 4 0.29 -10.86 -2.74
C GLY A 4 1.22 -11.03 -1.54
N SER A 5 2.53 -10.91 -1.76
CA SER A 5 3.60 -11.23 -0.84
C SER A 5 4.54 -10.06 -0.58
N ILE A 6 4.85 -9.24 -1.59
CA ILE A 6 5.52 -7.96 -1.46
C ILE A 6 4.46 -6.90 -1.19
N ALA A 7 4.74 -5.93 -0.32
CA ALA A 7 3.88 -4.78 -0.10
C ALA A 7 3.93 -3.81 -1.27
N GLU A 8 2.77 -3.39 -1.78
CA GLU A 8 2.59 -2.57 -2.97
C GLU A 8 3.47 -1.33 -2.97
N TYR A 9 3.61 -0.68 -1.82
CA TYR A 9 4.35 0.52 -1.50
C TYR A 9 5.84 0.33 -1.24
N PHE A 10 6.36 -0.90 -1.35
CA PHE A 10 7.79 -1.15 -1.37
C PHE A 10 8.47 -0.40 -2.50
N ASN A 11 8.02 -0.62 -3.74
CA ASN A 11 8.72 -0.21 -4.95
C ASN A 11 8.69 1.28 -5.23
N ARG A 12 7.56 1.95 -5.00
CA ARG A 12 7.33 3.38 -5.01
C ARG A 12 6.40 3.79 -3.88
N PRO A 13 6.25 5.07 -3.52
CA PRO A 13 5.18 5.51 -2.65
C PRO A 13 3.80 5.13 -3.16
N MET A 14 2.86 5.18 -2.21
CA MET A 14 1.42 5.04 -2.37
C MET A 14 0.72 6.07 -1.50
N HIS A 15 0.56 7.29 -2.02
CA HIS A 15 -0.16 8.43 -1.49
C HIS A 15 -1.67 8.26 -1.59
N ILE A 16 -2.19 7.26 -0.88
CA ILE A 16 -3.58 6.86 -0.77
C ILE A 16 -4.00 6.42 0.63
N HIS A 17 -5.31 6.48 0.87
CA HIS A 17 -5.90 6.26 2.17
C HIS A 17 -5.70 4.88 2.77
N ASP A 18 -5.50 3.83 1.96
CA ASP A 18 -5.25 2.48 2.42
C ASP A 18 -3.98 2.33 3.26
N TRP A 19 -3.07 3.30 3.23
CA TRP A 19 -1.79 3.31 3.92
C TRP A 19 -1.85 3.17 5.44
N GLN A 20 -3.00 3.41 6.07
CA GLN A 20 -3.22 3.17 7.49
C GLN A 20 -3.67 1.74 7.78
N ILE A 21 -4.07 0.97 6.77
CA ILE A 21 -4.63 -0.36 6.87
C ILE A 21 -3.58 -1.39 6.46
N MET A 22 -2.92 -2.01 7.43
CA MET A 22 -1.81 -2.92 7.25
C MET A 22 -2.14 -4.18 6.44
N ASP A 23 -3.34 -4.74 6.55
CA ASP A 23 -3.72 -6.00 5.97
C ASP A 23 -4.06 -6.03 4.48
N SER A 24 -4.11 -4.85 3.84
CA SER A 24 -4.55 -4.69 2.47
C SER A 24 -3.64 -3.83 1.60
N GLY A 25 -2.87 -4.45 0.69
CA GLY A 25 -1.88 -3.78 -0.12
C GLY A 25 -0.63 -4.58 -0.45
N TYR A 26 -0.75 -5.71 -1.14
CA TYR A 26 0.33 -6.58 -1.55
C TYR A 26 0.28 -7.04 -3.00
N TYR A 27 1.40 -7.51 -3.56
CA TYR A 27 1.56 -8.01 -4.91
C TYR A 27 2.66 -9.06 -4.98
N GLY A 28 2.89 -9.64 -6.16
CA GLY A 28 3.93 -10.63 -6.38
C GLY A 28 4.97 -10.28 -7.43
N GLY A 1 -2.53 1.44 -1.88
CA GLY A 1 -2.77 0.28 -2.71
C GLY A 1 -3.84 -0.67 -2.22
N GLY A 2 -4.46 -1.43 -3.14
CA GLY A 2 -5.46 -2.44 -2.90
C GLY A 2 -4.89 -3.84 -3.04
N ASP A 3 -4.55 -4.49 -1.92
CA ASP A 3 -4.21 -5.88 -1.75
C ASP A 3 -2.98 -6.41 -2.46
N GLY A 4 -2.15 -7.12 -1.70
CA GLY A 4 -0.99 -7.89 -2.10
C GLY A 4 0.10 -8.01 -1.05
N SER A 5 1.19 -8.72 -1.36
CA SER A 5 2.28 -8.97 -0.44
C SER A 5 3.26 -7.82 -0.23
N ILE A 6 3.28 -6.82 -1.12
CA ILE A 6 4.26 -5.75 -1.15
C ILE A 6 3.57 -4.46 -0.74
N ALA A 7 4.25 -3.53 -0.06
CA ALA A 7 3.68 -2.25 0.30
C ALA A 7 3.42 -1.40 -0.93
N GLU A 8 2.26 -0.75 -1.01
CA GLU A 8 1.91 0.20 -2.05
C GLU A 8 2.88 1.36 -2.20
N TYR A 9 3.52 1.70 -1.09
CA TYR A 9 4.48 2.77 -0.84
C TYR A 9 5.90 2.26 -0.66
N PHE A 10 6.17 1.03 -1.09
CA PHE A 10 7.48 0.42 -1.07
C PHE A 10 8.57 1.28 -1.69
N ASN A 11 8.32 1.95 -2.81
CA ASN A 11 9.21 2.91 -3.43
C ASN A 11 8.70 4.33 -3.52
N ARG A 12 7.52 4.67 -2.97
CA ARG A 12 6.79 5.88 -3.26
C ARG A 12 6.00 6.41 -2.07
N PRO A 13 5.60 7.69 -2.06
CA PRO A 13 4.47 8.18 -1.28
C PRO A 13 3.17 7.44 -1.55
N MET A 14 2.14 7.66 -0.73
CA MET A 14 0.80 7.14 -0.92
C MET A 14 -0.09 8.13 -1.66
N HIS A 15 -0.18 9.35 -1.15
CA HIS A 15 -0.98 10.45 -1.67
C HIS A 15 -2.45 10.13 -1.92
N ILE A 16 -3.00 9.15 -1.19
CA ILE A 16 -4.40 8.80 -1.13
C ILE A 16 -4.91 8.75 0.31
N HIS A 17 -6.22 8.93 0.48
CA HIS A 17 -6.95 8.96 1.74
C HIS A 17 -6.79 7.68 2.56
N ASP A 18 -6.53 6.53 1.93
CA ASP A 18 -6.29 5.27 2.59
C ASP A 18 -5.06 5.24 3.50
N TRP A 19 -4.21 6.26 3.50
CA TRP A 19 -2.90 6.30 4.13
C TRP A 19 -2.91 6.07 5.63
N GLN A 20 -4.06 6.06 6.32
CA GLN A 20 -4.21 5.73 7.72
C GLN A 20 -4.89 4.41 8.01
N ILE A 21 -5.46 3.74 7.00
CA ILE A 21 -6.02 2.42 7.02
C ILE A 21 -4.88 1.41 7.13
N MET A 22 -4.57 0.99 8.37
CA MET A 22 -3.61 -0.04 8.69
C MET A 22 -3.92 -1.38 8.06
N ASP A 23 -5.19 -1.66 7.76
CA ASP A 23 -5.70 -2.78 7.01
C ASP A 23 -5.52 -2.75 5.51
N SER A 24 -4.90 -1.73 4.91
CA SER A 24 -4.76 -1.52 3.48
C SER A 24 -3.38 -0.97 3.13
N GLY A 25 -3.14 -0.60 1.87
CA GLY A 25 -1.90 0.02 1.46
C GLY A 25 -0.90 -1.00 0.94
N TYR A 26 -1.39 -2.00 0.19
CA TYR A 26 -0.58 -3.10 -0.27
C TYR A 26 -0.86 -3.41 -1.74
N TYR A 27 0.08 -4.04 -2.46
CA TYR A 27 -0.05 -4.32 -3.87
C TYR A 27 0.69 -5.58 -4.31
N GLY A 28 0.42 -5.94 -5.57
CA GLY A 28 1.12 -6.93 -6.37
C GLY A 28 0.93 -6.74 -7.87
N GLY A 1 -2.16 -1.93 -4.07
CA GLY A 1 -3.57 -2.25 -3.95
C GLY A 1 -4.08 -2.39 -2.53
N GLY A 2 -5.12 -3.21 -2.33
CA GLY A 2 -5.67 -3.52 -1.02
C GLY A 2 -5.58 -4.98 -0.62
N ASP A 3 -4.84 -5.81 -1.36
CA ASP A 3 -4.87 -7.26 -1.18
C ASP A 3 -3.55 -7.93 -1.51
N GLY A 4 -2.85 -8.48 -0.53
CA GLY A 4 -1.58 -9.18 -0.67
C GLY A 4 -0.74 -9.03 0.59
N SER A 5 0.58 -9.19 0.46
CA SER A 5 1.53 -8.97 1.54
C SER A 5 2.64 -8.00 1.17
N ILE A 6 2.81 -7.58 -0.08
CA ILE A 6 3.79 -6.62 -0.51
C ILE A 6 3.23 -5.22 -0.32
N ALA A 7 3.80 -4.41 0.59
CA ALA A 7 3.33 -3.07 0.84
C ALA A 7 3.30 -2.17 -0.38
N GLU A 8 2.11 -1.76 -0.84
CA GLU A 8 1.82 -0.94 -1.99
C GLU A 8 2.39 0.48 -1.99
N TYR A 9 3.02 0.86 -0.87
CA TYR A 9 3.62 2.13 -0.54
C TYR A 9 5.11 2.07 -0.23
N PHE A 10 5.78 0.92 -0.25
CA PHE A 10 7.16 0.78 0.16
C PHE A 10 8.12 1.65 -0.64
N ASN A 11 7.98 1.74 -1.97
CA ASN A 11 8.66 2.69 -2.83
C ASN A 11 8.15 4.08 -2.49
N ARG A 12 6.90 4.39 -2.81
CA ARG A 12 6.22 5.65 -2.55
C ARG A 12 4.76 5.39 -2.18
N PRO A 13 4.17 6.11 -1.22
CA PRO A 13 2.76 5.94 -0.89
C PRO A 13 1.87 6.44 -2.02
N MET A 14 0.55 6.29 -1.88
CA MET A 14 -0.43 6.81 -2.81
C MET A 14 -0.59 8.32 -2.76
N HIS A 15 0.10 9.00 -1.84
CA HIS A 15 0.12 10.43 -1.62
C HIS A 15 -1.23 11.10 -1.38
N ILE A 16 -2.22 10.30 -0.99
CA ILE A 16 -3.53 10.70 -0.51
C ILE A 16 -3.79 10.13 0.87
N HIS A 17 -4.98 10.33 1.43
CA HIS A 17 -5.47 9.97 2.74
C HIS A 17 -5.46 8.50 3.14
N ASP A 18 -4.90 7.62 2.31
CA ASP A 18 -4.84 6.17 2.44
C ASP A 18 -3.41 5.65 2.42
N TRP A 19 -2.81 5.47 3.60
CA TRP A 19 -1.57 4.75 3.85
C TRP A 19 -1.47 4.11 5.23
N GLN A 20 -2.07 4.73 6.25
CA GLN A 20 -2.05 4.27 7.63
C GLN A 20 -2.85 3.02 7.93
N ILE A 21 -3.78 2.65 7.05
CA ILE A 21 -4.64 1.49 7.13
C ILE A 21 -3.81 0.21 6.98
N MET A 22 -3.43 -0.43 8.09
CA MET A 22 -2.64 -1.63 8.15
C MET A 22 -3.30 -2.85 7.52
N ASP A 23 -4.63 -2.78 7.40
CA ASP A 23 -5.46 -3.76 6.72
C ASP A 23 -5.50 -3.64 5.20
N SER A 24 -4.82 -2.63 4.64
CA SER A 24 -4.78 -2.31 3.23
C SER A 24 -3.42 -1.79 2.80
N GLY A 25 -3.27 -1.34 1.56
CA GLY A 25 -2.02 -0.91 0.97
C GLY A 25 -1.11 -2.08 0.62
N TYR A 26 -1.67 -3.11 -0.03
CA TYR A 26 -0.93 -4.30 -0.39
C TYR A 26 -1.16 -4.74 -1.83
N TYR A 27 -0.18 -5.44 -2.39
CA TYR A 27 -0.32 -6.20 -3.61
C TYR A 27 0.38 -7.53 -3.47
N GLY A 28 0.28 -8.34 -4.52
CA GLY A 28 0.85 -9.66 -4.66
C GLY A 28 1.66 -9.81 -5.95
N GLY A 1 -1.97 -0.87 -4.18
CA GLY A 1 -3.29 -0.73 -4.76
C GLY A 1 -4.38 -1.05 -3.74
N GLY A 2 -4.69 -2.32 -3.50
CA GLY A 2 -5.57 -2.75 -2.43
C GLY A 2 -5.32 -4.12 -1.84
N ASP A 3 -4.82 -5.09 -2.61
CA ASP A 3 -4.73 -6.49 -2.25
C ASP A 3 -3.38 -7.11 -2.55
N GLY A 4 -2.76 -7.70 -1.52
CA GLY A 4 -1.52 -8.45 -1.62
C GLY A 4 -0.79 -8.39 -0.29
N SER A 5 0.50 -8.76 -0.33
CA SER A 5 1.39 -8.85 0.81
C SER A 5 2.50 -7.84 0.74
N ILE A 6 2.59 -6.98 -0.28
CA ILE A 6 3.60 -5.96 -0.46
C ILE A 6 2.98 -4.57 -0.41
N ALA A 7 3.65 -3.59 0.20
CA ALA A 7 3.23 -2.20 0.26
C ALA A 7 3.56 -1.42 -1.01
N GLU A 8 2.53 -0.77 -1.56
CA GLU A 8 2.62 0.04 -2.75
C GLU A 8 3.48 1.28 -2.53
N TYR A 9 3.42 1.88 -1.34
CA TYR A 9 4.18 3.08 -1.00
C TYR A 9 5.65 2.79 -0.72
N PHE A 10 6.16 1.58 -0.95
CA PHE A 10 7.55 1.24 -0.79
C PHE A 10 8.47 1.99 -1.76
N ASN A 11 8.09 1.95 -3.03
CA ASN A 11 8.89 2.53 -4.10
C ASN A 11 8.79 4.03 -4.23
N ARG A 12 7.71 4.65 -3.74
CA ARG A 12 7.42 6.08 -3.86
C ARG A 12 6.40 6.57 -2.83
N PRO A 13 6.37 7.86 -2.52
CA PRO A 13 5.24 8.45 -1.83
C PRO A 13 4.04 8.44 -2.77
N MET A 14 2.84 8.49 -2.22
CA MET A 14 1.60 8.53 -2.97
C MET A 14 0.49 9.26 -2.23
N HIS A 15 0.03 10.38 -2.77
CA HIS A 15 -0.78 11.36 -2.07
C HIS A 15 -2.26 10.99 -2.05
N ILE A 16 -2.61 9.96 -1.27
CA ILE A 16 -3.90 9.30 -1.24
C ILE A 16 -4.61 9.45 0.09
N HIS A 17 -5.95 9.36 0.12
CA HIS A 17 -6.65 9.36 1.39
C HIS A 17 -6.45 8.07 2.20
N ASP A 18 -6.11 6.96 1.54
CA ASP A 18 -5.93 5.64 2.09
C ASP A 18 -4.61 5.49 2.86
N TRP A 19 -3.78 6.54 2.93
CA TRP A 19 -2.42 6.50 3.44
C TRP A 19 -2.22 5.89 4.81
N GLN A 20 -3.25 5.77 5.66
CA GLN A 20 -3.19 5.21 7.00
C GLN A 20 -3.87 3.86 7.15
N ILE A 21 -4.56 3.37 6.12
CA ILE A 21 -5.35 2.16 6.15
C ILE A 21 -4.43 0.95 6.03
N MET A 22 -3.84 0.55 7.16
CA MET A 22 -2.93 -0.57 7.36
C MET A 22 -3.51 -1.91 6.94
N ASP A 23 -4.83 -2.07 6.94
CA ASP A 23 -5.55 -3.27 6.57
C ASP A 23 -5.94 -3.29 5.09
N SER A 24 -5.44 -2.35 4.29
CA SER A 24 -5.58 -2.30 2.85
C SER A 24 -4.36 -1.71 2.15
N GLY A 25 -4.47 -1.34 0.88
CA GLY A 25 -3.51 -0.58 0.10
C GLY A 25 -2.35 -1.34 -0.52
N TYR A 26 -2.25 -2.63 -0.22
CA TYR A 26 -1.24 -3.55 -0.71
C TYR A 26 -1.25 -3.79 -2.21
N TYR A 27 -0.21 -4.40 -2.77
CA TYR A 27 -0.22 -5.04 -4.07
C TYR A 27 0.64 -6.29 -4.15
N GLY A 28 0.67 -6.90 -5.34
CA GLY A 28 1.42 -8.05 -5.79
C GLY A 28 1.40 -8.12 -7.31
N GLY A 1 -0.97 -2.04 -2.52
CA GLY A 1 -1.97 -3.07 -2.72
C GLY A 1 -2.47 -3.70 -1.42
N GLY A 2 -3.21 -4.81 -1.58
CA GLY A 2 -3.75 -5.61 -0.50
C GLY A 2 -3.64 -7.12 -0.69
N ASP A 3 -2.74 -7.61 -1.53
CA ASP A 3 -2.52 -9.03 -1.72
C ASP A 3 -1.05 -9.34 -1.96
N GLY A 4 -0.41 -10.00 -0.99
CA GLY A 4 1.00 -10.29 -0.96
C GLY A 4 1.65 -10.05 0.40
N SER A 5 2.90 -9.57 0.41
CA SER A 5 3.66 -9.37 1.63
C SER A 5 4.60 -8.17 1.63
N ILE A 6 5.08 -7.65 0.49
CA ILE A 6 5.94 -6.49 0.41
C ILE A 6 5.15 -5.21 0.63
N ALA A 7 5.73 -4.28 1.39
CA ALA A 7 5.20 -2.96 1.67
C ALA A 7 5.02 -2.13 0.40
N GLU A 8 3.75 -1.94 0.02
CA GLU A 8 3.31 -1.19 -1.14
C GLU A 8 3.65 0.29 -1.17
N TYR A 9 4.20 0.86 -0.10
CA TYR A 9 4.72 2.21 -0.05
C TYR A 9 6.23 2.33 0.13
N PHE A 10 6.97 1.23 -0.02
CA PHE A 10 8.41 1.13 0.06
C PHE A 10 9.15 2.07 -0.89
N ASN A 11 8.53 2.39 -2.02
CA ASN A 11 9.16 3.18 -3.06
C ASN A 11 8.17 4.25 -3.53
N ARG A 12 7.75 5.08 -2.57
CA ARG A 12 6.88 6.23 -2.73
C ARG A 12 7.38 7.44 -1.96
N PRO A 13 7.16 8.67 -2.43
CA PRO A 13 7.18 9.87 -1.61
C PRO A 13 6.01 9.82 -0.64
N MET A 14 6.02 10.72 0.35
CA MET A 14 4.98 10.92 1.33
C MET A 14 3.73 11.55 0.75
N HIS A 15 3.06 10.84 -0.16
CA HIS A 15 1.93 11.31 -0.94
C HIS A 15 0.95 10.20 -1.28
N ILE A 16 0.90 9.20 -0.41
CA ILE A 16 0.00 8.06 -0.42
C ILE A 16 -0.64 7.89 0.95
N HIS A 17 -1.85 7.33 1.06
CA HIS A 17 -2.49 7.10 2.33
C HIS A 17 -2.09 5.80 3.01
N ASP A 18 -1.26 4.98 2.35
CA ASP A 18 -0.62 3.83 2.96
C ASP A 18 0.39 4.20 4.03
N TRP A 19 0.80 5.47 4.11
CA TRP A 19 1.82 6.05 4.97
C TRP A 19 1.80 5.77 6.46
N GLN A 20 0.64 5.47 7.04
CA GLN A 20 0.35 5.41 8.46
C GLN A 20 -0.35 4.13 8.89
N ILE A 21 -0.47 3.16 7.98
CA ILE A 21 -1.17 1.90 8.10
C ILE A 21 -0.37 0.82 7.38
N MET A 22 0.57 0.17 8.07
CA MET A 22 1.47 -0.80 7.46
C MET A 22 0.71 -1.97 6.83
N ASP A 23 -0.44 -2.37 7.39
CA ASP A 23 -1.27 -3.38 6.78
C ASP A 23 -1.86 -2.97 5.44
N SER A 24 -2.08 -1.67 5.23
CA SER A 24 -2.68 -1.09 4.05
C SER A 24 -1.72 -1.02 2.88
N GLY A 25 -0.90 -2.05 2.67
CA GLY A 25 0.11 -2.13 1.63
C GLY A 25 0.77 -3.49 1.50
N TYR A 26 0.08 -4.47 0.92
CA TYR A 26 0.67 -5.74 0.53
C TYR A 26 0.71 -5.87 -0.99
N TYR A 27 1.88 -6.23 -1.52
CA TYR A 27 2.01 -6.71 -2.89
C TYR A 27 2.95 -7.89 -3.06
N GLY A 28 2.90 -8.53 -4.22
CA GLY A 28 3.75 -9.61 -4.72
C GLY A 28 3.15 -10.07 -6.05
N GLY A 1 -2.64 -0.56 -2.79
CA GLY A 1 -4.04 -0.86 -3.01
C GLY A 1 -4.69 -1.42 -1.76
N GLY A 2 -5.84 -2.09 -1.87
CA GLY A 2 -6.58 -2.61 -0.73
C GLY A 2 -6.04 -3.94 -0.23
N ASP A 3 -6.62 -5.05 -0.69
CA ASP A 3 -6.28 -6.40 -0.28
C ASP A 3 -5.20 -7.04 -1.14
N GLY A 4 -4.45 -8.01 -0.57
CA GLY A 4 -3.37 -8.74 -1.19
C GLY A 4 -2.30 -9.23 -0.21
N SER A 5 -1.25 -9.89 -0.70
CA SER A 5 -0.14 -10.34 0.12
C SER A 5 1.17 -9.60 -0.14
N ILE A 6 1.31 -8.84 -1.23
CA ILE A 6 2.39 -7.90 -1.48
C ILE A 6 2.05 -6.58 -0.81
N ALA A 7 2.98 -5.96 -0.08
CA ALA A 7 2.89 -4.64 0.49
C ALA A 7 2.85 -3.54 -0.57
N GLU A 8 1.74 -2.83 -0.71
CA GLU A 8 1.59 -1.80 -1.73
C GLU A 8 2.36 -0.52 -1.48
N TYR A 9 2.42 -0.04 -0.24
CA TYR A 9 3.06 1.19 0.22
C TYR A 9 4.53 1.30 -0.13
N PHE A 10 5.20 0.19 -0.42
CA PHE A 10 6.56 0.13 -0.92
C PHE A 10 6.78 0.84 -2.25
N ASN A 11 5.79 0.79 -3.16
CA ASN A 11 5.83 1.40 -4.47
C ASN A 11 5.39 2.85 -4.47
N ARG A 12 6.05 3.66 -3.62
CA ARG A 12 5.69 5.03 -3.31
C ARG A 12 4.45 5.11 -2.43
N PRO A 13 4.09 6.24 -1.82
CA PRO A 13 2.90 6.36 -0.98
C PRO A 13 1.58 6.09 -1.68
N MET A 14 0.58 5.55 -0.97
CA MET A 14 -0.76 5.36 -1.47
C MET A 14 -1.55 6.65 -1.26
N HIS A 15 -1.71 7.51 -2.26
CA HIS A 15 -2.40 8.78 -2.20
C HIS A 15 -3.91 8.66 -2.19
N ILE A 16 -4.46 7.52 -1.78
CA ILE A 16 -5.87 7.17 -1.63
C ILE A 16 -6.20 6.85 -0.19
N HIS A 17 -7.51 6.83 0.12
CA HIS A 17 -7.98 6.99 1.48
C HIS A 17 -7.62 5.89 2.47
N ASP A 18 -7.21 4.71 1.99
CA ASP A 18 -6.86 3.57 2.81
C ASP A 18 -5.62 3.76 3.67
N TRP A 19 -4.86 4.85 3.53
CA TRP A 19 -3.52 5.04 4.02
C TRP A 19 -3.28 4.91 5.52
N GLN A 20 -4.29 4.76 6.38
CA GLN A 20 -4.15 4.50 7.81
C GLN A 20 -4.69 3.14 8.24
N ILE A 21 -5.29 2.38 7.32
CA ILE A 21 -5.89 1.09 7.55
C ILE A 21 -4.92 -0.05 7.28
N MET A 22 -4.38 -0.67 8.34
CA MET A 22 -3.39 -1.71 8.16
C MET A 22 -3.84 -2.89 7.31
N ASP A 23 -5.15 -3.19 7.33
CA ASP A 23 -5.81 -4.19 6.53
C ASP A 23 -5.98 -3.86 5.05
N SER A 24 -5.68 -2.62 4.64
CA SER A 24 -5.92 -2.10 3.30
C SER A 24 -4.69 -1.34 2.83
N GLY A 25 -3.67 -2.08 2.38
CA GLY A 25 -2.34 -1.60 2.10
C GLY A 25 -1.51 -2.54 1.23
N TYR A 26 -2.21 -3.30 0.39
CA TYR A 26 -1.69 -4.48 -0.27
C TYR A 26 -2.06 -4.63 -1.73
N TYR A 27 -1.42 -5.55 -2.45
CA TYR A 27 -1.67 -5.98 -3.81
C TYR A 27 -1.13 -7.37 -4.08
N GLY A 28 -1.20 -7.89 -5.30
CA GLY A 28 -0.80 -9.22 -5.70
C GLY A 28 -1.76 -9.83 -6.71
N GLY A 1 -0.35 0.94 -3.83
CA GLY A 1 -1.76 0.64 -3.81
C GLY A 1 -2.09 -0.47 -2.82
N GLY A 2 -3.03 -1.34 -3.21
CA GLY A 2 -3.50 -2.50 -2.47
C GLY A 2 -3.42 -3.82 -3.21
N ASP A 3 -3.53 -4.90 -2.43
CA ASP A 3 -3.47 -6.32 -2.72
C ASP A 3 -2.20 -6.81 -3.40
N GLY A 4 -1.52 -7.72 -2.71
CA GLY A 4 -0.30 -8.39 -3.10
C GLY A 4 0.66 -8.57 -1.94
N SER A 5 1.91 -8.97 -2.23
CA SER A 5 3.03 -8.91 -1.31
C SER A 5 4.10 -7.91 -1.69
N ILE A 6 4.12 -7.41 -2.92
CA ILE A 6 5.13 -6.50 -3.45
C ILE A 6 4.82 -5.12 -2.89
N ALA A 7 5.70 -4.60 -2.02
CA ALA A 7 5.54 -3.35 -1.30
C ALA A 7 5.48 -2.15 -2.24
N GLU A 8 4.31 -1.51 -2.35
CA GLU A 8 4.04 -0.43 -3.28
C GLU A 8 4.75 0.86 -2.97
N TYR A 9 4.79 1.27 -1.70
CA TYR A 9 5.56 2.38 -1.18
C TYR A 9 7.06 2.20 -1.30
N PHE A 10 7.57 0.96 -1.34
CA PHE A 10 8.99 0.69 -1.53
C PHE A 10 9.46 1.13 -2.91
N ASN A 11 8.61 1.03 -3.92
CA ASN A 11 8.93 1.44 -5.29
C ASN A 11 8.56 2.88 -5.58
N ARG A 12 7.63 3.52 -4.86
CA ARG A 12 7.03 4.79 -5.23
C ARG A 12 6.88 5.78 -4.08
N PRO A 13 6.87 7.09 -4.35
CA PRO A 13 6.53 8.15 -3.41
C PRO A 13 5.05 8.20 -3.04
N MET A 14 4.76 9.00 -2.02
CA MET A 14 3.47 9.10 -1.36
C MET A 14 2.57 10.09 -2.09
N HIS A 15 1.28 9.79 -2.16
CA HIS A 15 0.17 10.62 -2.58
C HIS A 15 -1.17 9.90 -2.41
N ILE A 16 -1.24 8.59 -2.71
CA ILE A 16 -2.41 7.77 -2.49
C ILE A 16 -2.89 7.78 -1.05
N HIS A 17 -4.21 7.80 -0.85
CA HIS A 17 -4.91 7.85 0.42
C HIS A 17 -4.83 6.57 1.25
N ASP A 18 -4.32 5.50 0.65
CA ASP A 18 -3.62 4.39 1.28
C ASP A 18 -2.21 4.78 1.67
N TRP A 19 -1.99 5.38 2.85
CA TRP A 19 -0.71 5.76 3.42
C TRP A 19 -0.55 5.50 4.91
N GLN A 20 -1.62 5.09 5.60
CA GLN A 20 -1.65 4.75 7.01
C GLN A 20 -2.41 3.45 7.25
N ILE A 21 -3.33 3.06 6.37
CA ILE A 21 -4.05 1.81 6.38
C ILE A 21 -3.05 0.67 6.42
N MET A 22 -2.91 -0.01 7.56
CA MET A 22 -1.89 -1.01 7.80
C MET A 22 -1.80 -2.19 6.86
N ASP A 23 -2.87 -2.51 6.12
CA ASP A 23 -3.00 -3.64 5.23
C ASP A 23 -3.32 -3.28 3.79
N SER A 24 -3.05 -2.02 3.42
CA SER A 24 -3.11 -1.49 2.08
C SER A 24 -1.77 -0.86 1.71
N GLY A 25 -0.88 -1.58 1.05
CA GLY A 25 0.52 -1.23 0.84
C GLY A 25 1.17 -2.07 -0.25
N TYR A 26 0.43 -2.61 -1.23
CA TYR A 26 0.87 -3.72 -2.04
C TYR A 26 0.53 -3.59 -3.51
N TYR A 27 1.26 -4.30 -4.37
CA TYR A 27 0.86 -4.63 -5.72
C TYR A 27 1.31 -6.02 -6.14
N GLY A 28 1.06 -6.44 -7.39
CA GLY A 28 1.38 -7.73 -7.98
C GLY A 28 1.67 -7.74 -9.46
N GLY A 1 -0.80 0.49 -4.16
CA GLY A 1 -1.05 -0.92 -3.97
C GLY A 1 -2.53 -1.31 -3.96
N GLY A 2 -2.80 -2.60 -3.72
CA GLY A 2 -4.11 -3.23 -3.72
C GLY A 2 -4.04 -4.71 -4.05
N ASP A 3 -3.97 -5.59 -3.06
CA ASP A 3 -3.90 -7.04 -3.14
C ASP A 3 -2.73 -7.61 -3.93
N GLY A 4 -1.66 -7.94 -3.21
CA GLY A 4 -0.38 -8.39 -3.73
C GLY A 4 0.70 -8.57 -2.67
N SER A 5 1.98 -8.63 -3.05
CA SER A 5 3.13 -8.86 -2.20
C SER A 5 4.22 -7.80 -2.28
N ILE A 6 4.47 -7.18 -3.43
CA ILE A 6 5.43 -6.12 -3.65
C ILE A 6 4.98 -4.84 -2.96
N ALA A 7 5.69 -4.40 -1.92
CA ALA A 7 5.44 -3.19 -1.15
C ALA A 7 5.30 -1.96 -2.04
N GLU A 8 4.07 -1.48 -2.15
CA GLU A 8 3.67 -0.45 -3.11
C GLU A 8 4.43 0.85 -2.90
N TYR A 9 4.39 1.47 -1.72
CA TYR A 9 5.15 2.67 -1.46
C TYR A 9 6.66 2.52 -1.55
N PHE A 10 7.20 1.33 -1.32
CA PHE A 10 8.59 1.06 -1.61
C PHE A 10 8.83 1.13 -3.11
N ASN A 11 7.99 0.55 -3.96
CA ASN A 11 8.11 0.59 -5.40
C ASN A 11 7.80 1.92 -6.06
N ARG A 12 6.85 2.71 -5.55
CA ARG A 12 6.47 4.00 -6.11
C ARG A 12 6.04 5.03 -5.09
N PRO A 13 6.00 6.33 -5.41
CA PRO A 13 5.28 7.31 -4.61
C PRO A 13 3.78 7.15 -4.80
N MET A 14 2.98 7.42 -3.77
CA MET A 14 1.54 7.52 -3.84
C MET A 14 1.00 8.53 -2.84
N HIS A 15 0.10 9.41 -3.29
CA HIS A 15 -0.23 10.63 -2.60
C HIS A 15 -1.74 10.81 -2.53
N ILE A 16 -2.40 10.01 -1.69
CA ILE A 16 -3.83 9.80 -1.70
C ILE A 16 -4.47 9.80 -0.32
N HIS A 17 -5.78 10.04 -0.28
CA HIS A 17 -6.50 10.16 0.98
C HIS A 17 -6.54 8.87 1.79
N ASP A 18 -6.39 7.71 1.15
CA ASP A 18 -6.30 6.39 1.76
C ASP A 18 -4.94 6.01 2.31
N TRP A 19 -4.01 6.96 2.49
CA TRP A 19 -2.65 6.70 2.91
C TRP A 19 -2.54 5.86 4.18
N GLN A 20 -3.35 6.10 5.22
CA GLN A 20 -3.33 5.37 6.47
C GLN A 20 -4.07 4.04 6.45
N ILE A 21 -4.53 3.54 5.30
CA ILE A 21 -5.13 2.22 5.23
C ILE A 21 -4.04 1.19 5.49
N MET A 22 -4.17 0.45 6.59
CA MET A 22 -3.36 -0.68 7.00
C MET A 22 -3.79 -1.97 6.32
N ASP A 23 -5.02 -2.01 5.80
CA ASP A 23 -5.61 -3.09 5.03
C ASP A 23 -4.81 -3.51 3.81
N SER A 24 -3.93 -2.64 3.31
CA SER A 24 -3.30 -2.72 2.01
C SER A 24 -1.92 -2.07 1.97
N GLY A 25 -1.38 -1.92 0.76
CA GLY A 25 -0.07 -1.37 0.48
C GLY A 25 0.84 -2.26 -0.37
N TYR A 26 0.25 -3.18 -1.14
CA TYR A 26 0.98 -4.24 -1.81
C TYR A 26 0.42 -4.49 -3.20
N TYR A 27 1.23 -4.69 -4.24
CA TYR A 27 0.84 -5.09 -5.56
C TYR A 27 1.65 -6.27 -6.09
N GLY A 28 1.51 -6.68 -7.34
CA GLY A 28 2.12 -7.89 -7.87
C GLY A 28 1.99 -8.12 -9.36
N GLY A 1 -1.18 -2.16 -3.65
CA GLY A 1 -2.59 -2.05 -3.91
C GLY A 1 -3.42 -2.47 -2.71
N GLY A 2 -3.77 -3.75 -2.62
CA GLY A 2 -4.62 -4.30 -1.58
C GLY A 2 -4.41 -5.75 -1.19
N ASP A 3 -3.72 -6.57 -2.00
CA ASP A 3 -3.50 -7.98 -1.72
C ASP A 3 -2.19 -8.47 -2.29
N GLY A 4 -1.35 -9.13 -1.48
CA GLY A 4 -0.08 -9.70 -1.86
C GLY A 4 0.96 -9.67 -0.75
N SER A 5 2.20 -9.36 -1.09
CA SER A 5 3.33 -9.43 -0.18
C SER A 5 4.34 -8.33 -0.35
N ILE A 6 4.59 -7.83 -1.56
CA ILE A 6 5.42 -6.69 -1.85
C ILE A 6 4.73 -5.41 -1.39
N ALA A 7 5.40 -4.50 -0.68
CA ALA A 7 4.82 -3.21 -0.39
C ALA A 7 4.80 -2.35 -1.65
N GLU A 8 3.65 -1.76 -2.01
CA GLU A 8 3.46 -0.82 -3.08
C GLU A 8 4.23 0.49 -2.89
N TYR A 9 4.85 0.69 -1.72
CA TYR A 9 5.61 1.84 -1.31
C TYR A 9 7.07 1.52 -0.98
N PHE A 10 7.56 0.33 -1.34
CA PHE A 10 8.93 -0.13 -1.25
C PHE A 10 9.87 0.69 -2.12
N ASN A 11 9.41 1.26 -3.23
CA ASN A 11 10.16 2.04 -4.18
C ASN A 11 9.62 3.44 -4.47
N ARG A 12 8.51 3.87 -3.88
CA ARG A 12 7.75 5.04 -4.23
C ARG A 12 6.92 5.56 -3.07
N PRO A 13 6.35 6.77 -3.12
CA PRO A 13 5.35 7.22 -2.18
C PRO A 13 4.06 6.42 -2.28
N MET A 14 3.19 6.66 -1.29
CA MET A 14 1.79 6.31 -1.23
C MET A 14 0.95 7.53 -0.90
N HIS A 15 1.19 8.61 -1.64
CA HIS A 15 0.76 9.98 -1.49
C HIS A 15 -0.69 10.25 -1.88
N ILE A 16 -1.59 9.40 -1.39
CA ILE A 16 -3.02 9.40 -1.59
C ILE A 16 -3.78 9.07 -0.32
N HIS A 17 -5.11 9.00 -0.41
CA HIS A 17 -5.97 8.83 0.74
C HIS A 17 -6.08 7.40 1.25
N ASP A 18 -5.38 6.44 0.64
CA ASP A 18 -5.26 5.07 1.08
C ASP A 18 -3.83 4.75 1.46
N TRP A 19 -3.44 5.18 2.67
CA TRP A 19 -2.08 5.16 3.17
C TRP A 19 -1.94 4.83 4.64
N GLN A 20 -3.03 4.60 5.37
CA GLN A 20 -3.11 4.19 6.75
C GLN A 20 -4.18 3.12 6.97
N ILE A 21 -4.11 2.04 6.18
CA ILE A 21 -4.95 0.86 6.26
C ILE A 21 -4.06 -0.37 6.31
N MET A 22 -4.00 -1.05 7.46
CA MET A 22 -3.11 -2.15 7.76
C MET A 22 -3.18 -3.29 6.75
N ASP A 23 -4.38 -3.58 6.24
CA ASP A 23 -4.61 -4.58 5.23
C ASP A 23 -4.44 -4.10 3.79
N SER A 24 -4.16 -2.82 3.55
CA SER A 24 -3.96 -2.27 2.23
C SER A 24 -2.49 -2.10 1.88
N GLY A 25 -2.22 -1.68 0.65
CA GLY A 25 -0.90 -1.32 0.16
C GLY A 25 0.01 -2.46 -0.27
N TYR A 26 -0.38 -3.73 -0.11
CA TYR A 26 0.36 -4.87 -0.61
C TYR A 26 0.09 -5.09 -2.09
N TYR A 27 1.06 -5.63 -2.82
CA TYR A 27 0.93 -6.15 -4.17
C TYR A 27 1.84 -7.34 -4.41
N GLY A 28 1.93 -7.79 -5.67
CA GLY A 28 2.80 -8.82 -6.20
C GLY A 28 2.19 -9.60 -7.35
N GLY A 1 -3.03 0.78 -0.80
CA GLY A 1 -3.39 -0.60 -0.97
C GLY A 1 -4.85 -0.89 -0.64
N GLY A 2 -5.21 -2.17 -0.63
CA GLY A 2 -6.45 -2.64 -0.05
C GLY A 2 -6.40 -4.13 0.24
N ASP A 3 -5.82 -4.92 -0.66
CA ASP A 3 -5.88 -6.37 -0.66
C ASP A 3 -4.62 -6.99 -1.23
N GLY A 4 -3.78 -7.65 -0.43
CA GLY A 4 -2.50 -8.22 -0.80
C GLY A 4 -1.57 -8.49 0.38
N SER A 5 -0.33 -8.90 0.10
CA SER A 5 0.73 -9.20 1.04
C SER A 5 1.95 -8.32 0.87
N ILE A 6 2.23 -7.80 -0.33
CA ILE A 6 3.25 -6.82 -0.59
C ILE A 6 2.76 -5.47 -0.06
N ALA A 7 3.61 -4.72 0.65
CA ALA A 7 3.28 -3.36 1.04
C ALA A 7 2.89 -2.52 -0.17
N GLU A 8 1.78 -1.77 -0.07
CA GLU A 8 1.30 -0.91 -1.13
C GLU A 8 2.29 0.21 -1.40
N TYR A 9 2.65 0.91 -0.32
CA TYR A 9 3.49 2.09 -0.29
C TYR A 9 4.97 1.77 -0.47
N PHE A 10 5.35 0.59 -0.95
CA PHE A 10 6.69 0.04 -1.01
C PHE A 10 7.70 1.01 -1.58
N ASN A 11 7.32 1.81 -2.58
CA ASN A 11 8.06 2.95 -3.06
C ASN A 11 7.52 4.26 -2.49
N ARG A 12 6.29 4.61 -2.89
CA ARG A 12 5.64 5.89 -2.66
C ARG A 12 4.17 5.73 -2.30
N PRO A 13 3.58 6.68 -1.57
CA PRO A 13 2.19 6.62 -1.21
C PRO A 13 1.29 6.65 -2.45
N MET A 14 0.09 6.10 -2.35
CA MET A 14 -0.92 6.09 -3.39
C MET A 14 -1.91 7.24 -3.29
N HIS A 15 -1.57 8.34 -2.63
CA HIS A 15 -2.36 9.52 -2.30
C HIS A 15 -3.69 9.31 -1.58
N ILE A 16 -4.06 8.08 -1.25
CA ILE A 16 -5.21 7.74 -0.44
C ILE A 16 -4.98 7.55 1.06
N HIS A 17 -6.08 7.48 1.80
CA HIS A 17 -6.24 7.39 3.24
C HIS A 17 -5.57 6.20 3.90
N ASP A 18 -5.30 5.13 3.16
CA ASP A 18 -4.57 3.96 3.60
C ASP A 18 -3.11 4.17 3.95
N TRP A 19 -2.56 5.38 3.75
CA TRP A 19 -1.27 5.75 4.29
C TRP A 19 -1.17 5.61 5.80
N GLN A 20 -2.31 5.65 6.50
CA GLN A 20 -2.48 5.44 7.93
C GLN A 20 -3.17 4.14 8.34
N ILE A 21 -3.36 3.18 7.43
CA ILE A 21 -4.19 2.01 7.67
C ILE A 21 -3.33 0.78 7.45
N MET A 22 -2.67 0.36 8.54
CA MET A 22 -1.78 -0.77 8.69
C MET A 22 -2.40 -2.07 8.22
N ASP A 23 -3.69 -2.25 8.52
CA ASP A 23 -4.55 -3.34 8.09
C ASP A 23 -4.71 -3.46 6.58
N SER A 24 -4.44 -2.40 5.82
CA SER A 24 -4.97 -2.16 4.50
C SER A 24 -3.95 -1.76 3.44
N GLY A 25 -2.76 -1.28 3.83
CA GLY A 25 -1.71 -0.83 2.95
C GLY A 25 -0.99 -1.96 2.22
N TYR A 26 -1.67 -2.85 1.50
CA TYR A 26 -1.07 -3.90 0.73
C TYR A 26 -1.61 -4.02 -0.69
N TYR A 27 -0.83 -4.59 -1.62
CA TYR A 27 -1.15 -4.81 -3.02
C TYR A 27 -0.58 -6.13 -3.51
N GLY A 28 -0.75 -6.45 -4.80
CA GLY A 28 -0.17 -7.59 -5.48
C GLY A 28 -0.55 -7.74 -6.95
N GLY A 1 -0.94 -3.44 -5.41
CA GLY A 1 -2.38 -3.37 -5.60
C GLY A 1 -3.13 -3.92 -4.40
N GLY A 2 -3.33 -5.25 -4.39
CA GLY A 2 -3.70 -6.01 -3.22
C GLY A 2 -3.20 -7.44 -3.29
N ASP A 3 -3.37 -8.17 -2.19
CA ASP A 3 -3.02 -9.57 -2.00
C ASP A 3 -1.59 -9.89 -2.43
N GLY A 4 -0.62 -9.61 -1.57
CA GLY A 4 0.78 -9.95 -1.72
C GLY A 4 1.60 -9.71 -0.47
N SER A 5 2.92 -9.80 -0.64
CA SER A 5 3.88 -9.69 0.44
C SER A 5 4.88 -8.55 0.24
N ILE A 6 5.08 -8.09 -0.99
CA ILE A 6 5.85 -6.93 -1.41
C ILE A 6 4.91 -5.73 -1.48
N ALA A 7 5.22 -4.63 -0.80
CA ALA A 7 4.39 -3.44 -0.78
C ALA A 7 4.47 -2.66 -2.09
N GLU A 8 3.33 -2.39 -2.72
CA GLU A 8 3.31 -1.56 -3.90
C GLU A 8 3.86 -0.17 -3.60
N TYR A 9 3.26 0.49 -2.61
CA TYR A 9 3.49 1.89 -2.33
C TYR A 9 4.91 2.24 -1.92
N PHE A 10 5.72 1.27 -1.49
CA PHE A 10 7.10 1.34 -1.06
C PHE A 10 7.84 2.62 -1.42
N ASN A 11 8.20 2.80 -2.69
CA ASN A 11 8.93 3.97 -3.17
C ASN A 11 8.22 4.68 -4.31
N ARG A 12 6.91 4.49 -4.45
CA ARG A 12 6.05 5.17 -5.40
C ARG A 12 5.93 6.67 -5.14
N PRO A 13 5.54 7.49 -6.11
CA PRO A 13 5.12 8.85 -5.87
C PRO A 13 3.68 8.91 -5.39
N MET A 14 3.13 10.11 -5.15
CA MET A 14 1.85 10.39 -4.53
C MET A 14 1.89 10.04 -3.05
N HIS A 15 2.81 10.63 -2.29
CA HIS A 15 3.02 10.46 -0.87
C HIS A 15 1.92 11.11 -0.02
N ILE A 16 0.73 10.51 -0.05
CA ILE A 16 -0.44 10.82 0.75
C ILE A 16 -0.92 9.59 1.52
N HIS A 17 -2.01 9.72 2.28
CA HIS A 17 -2.55 8.76 3.21
C HIS A 17 -3.00 7.42 2.65
N ASP A 18 -3.01 7.20 1.34
CA ASP A 18 -3.29 5.89 0.77
C ASP A 18 -2.19 4.84 0.87
N TRP A 19 -1.01 5.23 1.38
CA TRP A 19 0.01 4.33 1.86
C TRP A 19 -0.39 3.50 3.08
N GLN A 20 0.50 2.68 3.63
CA GLN A 20 0.37 2.07 4.94
C GLN A 20 -0.86 1.23 5.21
N ILE A 21 -1.68 0.90 4.21
CA ILE A 21 -2.69 -0.14 4.31
C ILE A 21 -1.97 -1.47 4.48
N MET A 22 -2.60 -2.43 5.16
CA MET A 22 -2.02 -3.73 5.47
C MET A 22 -2.83 -4.90 4.93
N ASP A 23 -4.15 -4.90 5.13
CA ASP A 23 -5.14 -5.71 4.44
C ASP A 23 -5.21 -5.56 2.93
N SER A 24 -4.50 -4.60 2.33
CA SER A 24 -4.27 -4.41 0.92
C SER A 24 -3.09 -3.49 0.66
N GLY A 25 -2.76 -3.22 -0.60
CA GLY A 25 -1.64 -2.38 -0.95
C GLY A 25 -0.41 -3.13 -1.43
N TYR A 26 -0.50 -4.43 -1.72
CA TYR A 26 0.62 -5.33 -1.91
C TYR A 26 0.61 -6.02 -3.26
N TYR A 27 1.70 -6.70 -3.63
CA TYR A 27 1.91 -7.52 -4.81
C TYR A 27 2.98 -8.57 -4.58
N GLY A 28 3.27 -9.33 -5.64
CA GLY A 28 4.36 -10.26 -5.77
C GLY A 28 4.88 -10.34 -7.20
N GLY A 1 -1.10 -1.39 -4.62
CA GLY A 1 -2.53 -1.36 -4.39
C GLY A 1 -2.93 -2.17 -3.17
N GLY A 2 -3.85 -3.14 -3.30
CA GLY A 2 -4.12 -4.20 -2.35
C GLY A 2 -3.91 -5.54 -3.03
N ASP A 3 -3.82 -6.59 -2.21
CA ASP A 3 -3.66 -7.97 -2.63
C ASP A 3 -2.47 -8.22 -3.54
N GLY A 4 -1.33 -8.58 -2.95
CA GLY A 4 -0.18 -9.09 -3.65
C GLY A 4 1.02 -9.31 -2.72
N SER A 5 2.12 -9.78 -3.32
CA SER A 5 3.30 -10.22 -2.61
C SER A 5 4.39 -9.16 -2.48
N ILE A 6 4.25 -8.08 -3.24
CA ILE A 6 5.22 -7.00 -3.39
C ILE A 6 4.74 -5.76 -2.66
N ALA A 7 5.61 -5.07 -1.91
CA ALA A 7 5.30 -3.82 -1.25
C ALA A 7 5.06 -2.72 -2.29
N GLU A 8 3.86 -2.14 -2.25
CA GLU A 8 3.45 -1.15 -3.22
C GLU A 8 4.05 0.25 -3.07
N TYR A 9 5.00 0.37 -2.15
CA TYR A 9 5.79 1.56 -1.86
C TYR A 9 7.29 1.25 -1.84
N PHE A 10 7.71 0.06 -2.27
CA PHE A 10 9.10 -0.33 -2.36
C PHE A 10 10.00 0.77 -2.90
N ASN A 11 9.57 1.40 -4.01
CA ASN A 11 10.16 2.57 -4.61
C ASN A 11 9.12 3.51 -5.20
N ARG A 12 8.13 2.97 -5.90
CA ARG A 12 6.90 3.61 -6.35
C ARG A 12 6.17 4.43 -5.30
N PRO A 13 5.38 5.43 -5.69
CA PRO A 13 4.71 6.37 -4.82
C PRO A 13 3.60 5.76 -3.96
N MET A 14 3.09 6.55 -3.02
CA MET A 14 2.05 6.28 -2.05
C MET A 14 0.94 7.33 -2.08
N HIS A 15 0.83 8.03 -3.21
CA HIS A 15 -0.11 9.05 -3.63
C HIS A 15 -1.59 8.70 -3.49
N ILE A 16 -1.94 7.42 -3.33
CA ILE A 16 -3.32 6.98 -3.21
C ILE A 16 -3.98 7.35 -1.89
N HIS A 17 -5.30 7.51 -1.97
CA HIS A 17 -6.15 7.68 -0.81
C HIS A 17 -6.12 6.49 0.15
N ASP A 18 -5.64 5.33 -0.30
CA ASP A 18 -5.53 4.10 0.46
C ASP A 18 -4.40 4.09 1.47
N TRP A 19 -3.58 5.14 1.58
CA TRP A 19 -2.35 5.19 2.35
C TRP A 19 -2.43 4.73 3.81
N GLN A 20 -3.54 5.01 4.48
CA GLN A 20 -3.80 4.60 5.85
C GLN A 20 -4.25 3.15 5.98
N ILE A 21 -4.67 2.48 4.92
CA ILE A 21 -5.34 1.19 4.98
C ILE A 21 -4.28 0.10 4.81
N MET A 22 -3.93 -0.56 5.90
CA MET A 22 -2.79 -1.46 5.98
C MET A 22 -3.03 -2.78 5.26
N ASP A 23 -4.28 -3.17 5.05
CA ASP A 23 -4.64 -4.25 4.15
C ASP A 23 -4.36 -3.97 2.67
N SER A 24 -4.06 -2.72 2.31
CA SER A 24 -3.98 -2.26 0.93
C SER A 24 -2.68 -1.49 0.74
N GLY A 25 -1.55 -2.19 0.86
CA GLY A 25 -0.20 -1.71 0.66
C GLY A 25 0.60 -2.59 -0.30
N TYR A 26 -0.05 -3.41 -1.11
CA TYR A 26 0.56 -4.53 -1.81
C TYR A 26 0.18 -4.63 -3.27
N TYR A 27 1.04 -5.22 -4.10
CA TYR A 27 0.80 -5.56 -5.48
C TYR A 27 1.64 -6.73 -5.94
N GLY A 28 1.54 -7.09 -7.23
CA GLY A 28 2.17 -8.23 -7.85
C GLY A 28 2.54 -7.99 -9.31
N GLY A 1 -2.20 1.22 -2.11
CA GLY A 1 -3.58 0.86 -2.35
C GLY A 1 -4.14 -0.26 -1.49
N GLY A 2 -5.33 -0.75 -1.85
CA GLY A 2 -6.01 -1.83 -1.14
C GLY A 2 -5.61 -3.22 -1.59
N ASP A 3 -5.29 -4.07 -0.62
CA ASP A 3 -4.97 -5.49 -0.69
C ASP A 3 -3.83 -5.94 -1.61
N GLY A 4 -3.25 -7.09 -1.29
CA GLY A 4 -1.94 -7.54 -1.70
C GLY A 4 -0.93 -7.42 -0.57
N SER A 5 0.36 -7.63 -0.83
CA SER A 5 1.40 -7.58 0.18
C SER A 5 2.67 -6.81 -0.17
N ILE A 6 2.83 -6.30 -1.40
CA ILE A 6 3.90 -5.37 -1.73
C ILE A 6 3.48 -4.01 -1.18
N ALA A 7 4.29 -3.38 -0.32
CA ALA A 7 4.03 -2.07 0.23
C ALA A 7 3.84 -0.98 -0.80
N GLU A 8 2.62 -0.43 -0.93
CA GLU A 8 2.27 0.68 -1.79
C GLU A 8 2.98 1.98 -1.40
N TYR A 9 3.31 2.15 -0.12
CA TYR A 9 4.09 3.26 0.36
C TYR A 9 5.60 3.03 0.36
N PHE A 10 6.12 1.84 0.06
CA PHE A 10 7.55 1.60 -0.04
C PHE A 10 8.16 2.39 -1.19
N ASN A 11 9.10 3.26 -0.83
CA ASN A 11 9.89 4.17 -1.65
C ASN A 11 9.13 5.07 -2.61
N ARG A 12 7.79 5.02 -2.59
CA ARG A 12 6.82 5.69 -3.41
C ARG A 12 5.78 6.37 -2.51
N PRO A 13 5.23 7.52 -2.90
CA PRO A 13 4.41 8.32 -2.02
C PRO A 13 3.03 7.71 -1.81
N MET A 14 2.39 8.06 -0.69
CA MET A 14 1.03 7.77 -0.31
C MET A 14 0.25 9.07 -0.12
N HIS A 15 0.26 9.88 -1.19
CA HIS A 15 -0.45 11.12 -1.41
C HIS A 15 -1.95 10.95 -1.61
N ILE A 16 -2.52 9.92 -0.99
CA ILE A 16 -3.87 9.41 -1.09
C ILE A 16 -4.53 9.15 0.26
N HIS A 17 -5.85 9.27 0.34
CA HIS A 17 -6.61 9.16 1.56
C HIS A 17 -6.45 7.84 2.31
N ASP A 18 -6.16 6.73 1.62
CA ASP A 18 -5.87 5.43 2.19
C ASP A 18 -4.54 5.35 2.93
N TRP A 19 -3.72 6.40 2.96
CA TRP A 19 -2.42 6.44 3.61
C TRP A 19 -2.36 6.08 5.08
N GLN A 20 -3.47 6.15 5.82
CA GLN A 20 -3.59 5.88 7.24
C GLN A 20 -4.22 4.53 7.53
N ILE A 21 -4.61 3.76 6.52
CA ILE A 21 -5.39 2.54 6.64
C ILE A 21 -4.40 1.41 6.52
N MET A 22 -3.97 0.87 7.66
CA MET A 22 -3.03 -0.23 7.80
C MET A 22 -3.47 -1.45 7.02
N ASP A 23 -4.78 -1.66 6.86
CA ASP A 23 -5.36 -2.69 6.02
C ASP A 23 -5.11 -2.53 4.53
N SER A 24 -4.95 -1.29 4.05
CA SER A 24 -4.90 -0.89 2.66
C SER A 24 -3.66 -0.05 2.40
N GLY A 25 -2.48 -0.67 2.57
CA GLY A 25 -1.19 -0.10 2.23
C GLY A 25 -0.45 -0.84 1.14
N TYR A 26 -1.10 -1.58 0.23
CA TYR A 26 -0.47 -2.64 -0.53
C TYR A 26 -0.88 -2.64 -2.00
N TYR A 27 -0.14 -3.41 -2.79
CA TYR A 27 -0.56 -3.97 -4.06
C TYR A 27 -0.11 -5.42 -4.21
N GLY A 28 -0.53 -6.12 -5.27
CA GLY A 28 -0.23 -7.52 -5.44
C GLY A 28 -1.30 -8.32 -6.16
N GLY A 1 -1.66 -2.50 -2.70
CA GLY A 1 -3.11 -2.46 -2.67
C GLY A 1 -3.61 -2.84 -1.29
N GLY A 2 -4.68 -3.62 -1.21
CA GLY A 2 -5.31 -4.06 0.03
C GLY A 2 -4.81 -5.44 0.44
N ASP A 3 -5.30 -6.48 -0.24
CA ASP A 3 -4.99 -7.87 0.03
C ASP A 3 -3.72 -8.33 -0.64
N GLY A 4 -3.01 -9.25 0.03
CA GLY A 4 -1.89 -9.96 -0.54
C GLY A 4 -0.89 -10.45 0.50
N SER A 5 0.37 -10.54 0.10
CA SER A 5 1.47 -10.99 0.94
C SER A 5 2.58 -9.94 0.97
N ILE A 6 3.04 -9.42 -0.17
CA ILE A 6 4.01 -8.36 -0.29
C ILE A 6 3.36 -7.08 0.22
N ALA A 7 3.97 -6.40 1.20
CA ALA A 7 3.51 -5.11 1.65
C ALA A 7 3.68 -3.99 0.64
N GLU A 8 2.65 -3.19 0.37
CA GLU A 8 2.49 -2.41 -0.84
C GLU A 8 3.33 -1.14 -0.87
N TYR A 9 3.82 -0.72 0.29
CA TYR A 9 4.81 0.34 0.42
C TYR A 9 6.20 -0.03 -0.07
N PHE A 10 6.43 -1.27 -0.49
CA PHE A 10 7.68 -1.72 -1.07
C PHE A 10 8.28 -0.80 -2.13
N ASN A 11 7.45 -0.33 -3.07
CA ASN A 11 7.82 0.77 -3.93
C ASN A 11 6.93 1.96 -3.57
N ARG A 12 7.41 2.87 -2.73
CA ARG A 12 6.84 4.13 -2.30
C ARG A 12 5.63 3.95 -1.38
N PRO A 13 5.39 4.80 -0.39
CA PRO A 13 4.20 4.73 0.43
C PRO A 13 2.92 4.95 -0.37
N MET A 14 1.81 4.33 0.04
CA MET A 14 0.51 4.44 -0.59
C MET A 14 0.01 5.87 -0.55
N HIS A 15 -0.10 6.58 -1.69
CA HIS A 15 -0.41 7.99 -1.77
C HIS A 15 -1.88 8.33 -1.64
N ILE A 16 -2.78 7.35 -1.48
CA ILE A 16 -4.14 7.52 -1.00
C ILE A 16 -4.15 7.91 0.47
N HIS A 17 -5.30 8.24 1.05
CA HIS A 17 -5.47 8.45 2.48
C HIS A 17 -5.33 7.17 3.30
N ASP A 18 -5.71 6.01 2.79
CA ASP A 18 -5.63 4.74 3.49
C ASP A 18 -4.23 4.14 3.36
N TRP A 19 -3.44 4.23 4.43
CA TRP A 19 -2.20 3.49 4.52
C TRP A 19 -1.89 2.96 5.91
N GLN A 20 -2.42 3.61 6.95
CA GLN A 20 -2.26 3.20 8.32
C GLN A 20 -3.04 1.96 8.74
N ILE A 21 -3.97 1.49 7.90
CA ILE A 21 -4.76 0.30 8.14
C ILE A 21 -3.84 -0.91 7.95
N MET A 22 -3.23 -1.38 9.05
CA MET A 22 -2.32 -2.50 9.03
C MET A 22 -2.91 -3.80 8.47
N ASP A 23 -4.23 -3.97 8.58
CA ASP A 23 -4.98 -5.13 8.14
C ASP A 23 -5.08 -5.25 6.62
N SER A 24 -4.81 -4.18 5.87
CA SER A 24 -4.96 -4.13 4.43
C SER A 24 -3.99 -3.12 3.84
N GLY A 25 -2.84 -3.62 3.36
CA GLY A 25 -1.73 -2.82 2.84
C GLY A 25 -0.78 -3.62 1.99
N TYR A 26 -1.27 -4.60 1.21
CA TYR A 26 -0.50 -5.62 0.54
C TYR A 26 -0.84 -5.79 -0.94
N TYR A 27 -0.06 -6.63 -1.62
CA TYR A 27 -0.26 -7.12 -2.97
C TYR A 27 0.35 -8.50 -3.19
N GLY A 28 0.21 -9.05 -4.40
CA GLY A 28 0.87 -10.24 -4.93
C GLY A 28 1.16 -10.11 -6.41
N GLY A 1 -2.16 -0.33 -3.40
CA GLY A 1 -3.52 0.10 -3.69
C GLY A 1 -4.69 -0.83 -3.39
N GLY A 2 -4.49 -1.95 -2.70
CA GLY A 2 -5.57 -2.83 -2.28
C GLY A 2 -5.29 -4.30 -2.49
N ASP A 3 -4.90 -5.00 -1.42
CA ASP A 3 -4.59 -6.42 -1.35
C ASP A 3 -3.51 -6.92 -2.28
N GLY A 4 -2.93 -8.09 -2.00
CA GLY A 4 -1.65 -8.51 -2.51
C GLY A 4 -0.69 -8.74 -1.35
N SER A 5 0.59 -8.42 -1.51
CA SER A 5 1.54 -8.46 -0.42
C SER A 5 2.80 -7.63 -0.59
N ILE A 6 3.04 -7.05 -1.78
CA ILE A 6 4.07 -6.05 -1.98
C ILE A 6 3.60 -4.77 -1.29
N ALA A 7 4.38 -4.21 -0.38
CA ALA A 7 4.16 -2.93 0.27
C ALA A 7 3.96 -1.80 -0.73
N GLU A 8 2.73 -1.26 -0.81
CA GLU A 8 2.33 -0.24 -1.77
C GLU A 8 2.96 1.11 -1.51
N TYR A 9 3.68 1.26 -0.40
CA TYR A 9 4.37 2.45 0.05
C TYR A 9 5.89 2.40 -0.12
N PHE A 10 6.46 1.26 -0.52
CA PHE A 10 7.90 1.15 -0.68
C PHE A 10 8.37 1.48 -2.09
N ASN A 11 9.42 2.29 -2.20
CA ASN A 11 10.07 2.73 -3.41
C ASN A 11 9.15 3.41 -4.42
N ARG A 12 7.98 3.87 -3.98
CA ARG A 12 7.12 4.76 -4.73
C ARG A 12 6.46 5.80 -3.84
N PRO A 13 6.01 6.93 -4.39
CA PRO A 13 5.07 7.81 -3.72
C PRO A 13 3.67 7.19 -3.74
N MET A 14 2.80 7.66 -2.84
CA MET A 14 1.55 7.03 -2.46
C MET A 14 0.38 7.97 -2.72
N HIS A 15 0.04 8.87 -1.79
CA HIS A 15 -0.97 9.90 -1.80
C HIS A 15 -2.42 9.46 -1.93
N ILE A 16 -2.71 8.17 -2.16
CA ILE A 16 -4.03 7.60 -1.99
C ILE A 16 -4.50 7.64 -0.54
N HIS A 17 -5.83 7.60 -0.36
CA HIS A 17 -6.48 7.61 0.93
C HIS A 17 -6.39 6.34 1.75
N ASP A 18 -5.45 5.44 1.42
CA ASP A 18 -5.07 4.29 2.22
C ASP A 18 -3.92 4.54 3.19
N TRP A 19 -3.32 5.74 3.21
CA TRP A 19 -2.12 6.08 3.95
C TRP A 19 -2.24 5.97 5.47
N GLN A 20 -3.43 5.73 6.02
CA GLN A 20 -3.74 5.55 7.43
C GLN A 20 -4.32 4.19 7.76
N ILE A 21 -4.59 3.33 6.78
CA ILE A 21 -5.50 2.21 6.88
C ILE A 21 -4.72 0.95 6.54
N MET A 22 -4.34 0.20 7.58
CA MET A 22 -3.33 -0.84 7.48
C MET A 22 -3.65 -1.97 6.51
N ASP A 23 -4.93 -2.27 6.30
CA ASP A 23 -5.41 -3.34 5.44
C ASP A 23 -5.06 -3.16 3.97
N SER A 24 -5.33 -1.99 3.39
CA SER A 24 -5.32 -1.77 1.96
C SER A 24 -3.95 -1.41 1.39
N GLY A 25 -2.89 -1.45 2.21
CA GLY A 25 -1.57 -0.96 1.89
C GLY A 25 -0.71 -1.93 1.07
N TYR A 26 -1.30 -2.76 0.21
CA TYR A 26 -0.57 -3.73 -0.58
C TYR A 26 -0.86 -3.66 -2.08
N TYR A 27 -0.02 -4.31 -2.90
CA TYR A 27 -0.30 -4.73 -4.26
C TYR A 27 0.40 -6.03 -4.60
N GLY A 28 0.34 -6.44 -5.88
CA GLY A 28 1.00 -7.59 -6.46
C GLY A 28 0.40 -7.91 -7.83
#